data_8X0Q
#
_entry.id   8X0Q
#
_cell.length_a   54.632
_cell.length_b   67.564
_cell.length_c   88.429
_cell.angle_alpha   90.000
_cell.angle_beta   90.000
_cell.angle_gamma   90.000
#
_symmetry.space_group_name_H-M   'P 21 21 21'
#
loop_
_entity.id
_entity.type
_entity.pdbx_description
1 polymer Glucanase
2 branched alpha-D-mannopyranose-(1-4)-2-acetamido-2-deoxy-beta-D-glucopyranose-(1-4)-2-acetamido-2-deoxy-beta-D-glucopyranose
3 branched beta-D-glucopyranose-(1-4)-beta-D-glucopyranose
4 non-polymer beta-D-glucopyranose
5 non-polymer alpha-D-glucopyranose
6 water water
#
_entity_poly.entity_id   1
_entity_poly.type   'polypeptide(L)'
_entity_poly.pdbx_seq_one_letter_code
;SANNPWTGFQIFLSPYYANEVAAAAKQITDPTLSSKAASVANIPTFTWLDSVAKIPDLGTYLASASALGKSTGTKQLVQI
VIYDLPDRDCAAKASNGEFSIANNGQANYENYIDQIVAQIQQFPDVRVVAVIEPDSLANLVTNLNVQKCANAKTTYLASV
NYALTNLAKVGVYMYMDAGHAGWLGWPANLSPAAQLFTQVWQNAGKSPFIKGLATNVANYNALQAASPDPITQGNPNYDE
IHYINALAPLLQQAGWDATFIVDQGRSGVQNIRQQWGDWCNIKGAGFGTRPTTNTGSQFIDSIVWVKPGGES(OCS)GTS
NSSSPRYDSTCSLPDAAQPAPEAGTWFQAYFQTLVSAANPPL
;
_entity_poly.pdbx_strand_id   A
#
# COMPACT_ATOMS: atom_id res chain seq x y z
N SER A 1 19.40 -2.84 4.29
N SER A 1 19.41 -2.85 4.26
CA SER A 1 20.51 -2.11 4.90
CA SER A 1 20.46 -2.06 4.90
C SER A 1 20.61 -2.39 6.39
C SER A 1 20.47 -2.27 6.41
N ALA A 2 21.37 -1.57 7.11
CA ALA A 2 21.59 -1.84 8.52
C ALA A 2 20.33 -1.69 9.35
N ASN A 3 19.51 -0.71 9.03
CA ASN A 3 18.31 -0.40 9.79
C ASN A 3 17.10 -0.88 9.01
N ASN A 4 16.63 -2.07 9.31
CA ASN A 4 15.36 -2.55 8.77
C ASN A 4 14.27 -2.09 9.73
N PRO A 5 13.32 -1.26 9.32
N PRO A 5 13.32 -1.25 9.33
CA PRO A 5 12.34 -0.72 10.27
CA PRO A 5 12.39 -0.69 10.32
C PRO A 5 11.64 -1.75 11.13
C PRO A 5 11.60 -1.72 11.11
N TRP A 6 11.45 -2.96 10.62
N TRP A 6 11.46 -2.94 10.60
CA TRP A 6 10.69 -3.97 11.33
CA TRP A 6 10.64 -3.96 11.26
C TRP A 6 11.50 -4.75 12.38
C TRP A 6 11.39 -4.73 12.34
N THR A 7 12.83 -4.72 12.32
N THR A 7 12.67 -5.06 12.12
CA THR A 7 13.60 -5.52 13.26
CA THR A 7 13.38 -5.97 13.02
C THR A 7 13.42 -4.98 14.68
C THR A 7 13.30 -5.50 14.46
N GLY A 8 13.12 -5.88 15.62
N GLY A 8 12.91 -6.42 15.34
CA GLY A 8 12.99 -5.50 17.00
CA GLY A 8 12.78 -6.12 16.74
C GLY A 8 11.66 -4.91 17.40
C GLY A 8 11.47 -5.47 17.15
N PHE A 9 10.69 -4.89 16.48
N PHE A 9 10.53 -5.33 16.22
CA PHE A 9 9.38 -4.33 16.75
CA PHE A 9 9.28 -4.65 16.49
C PHE A 9 8.32 -5.40 16.57
C PHE A 9 8.10 -5.59 16.37
N GLN A 10 7.23 -5.25 17.28
N GLN A 10 7.08 -5.33 17.18
CA GLN A 10 6.03 -6.05 17.07
CA GLN A 10 5.81 -6.06 17.14
C GLN A 10 5.04 -5.18 16.31
C GLN A 10 4.84 -5.22 16.31
N ILE A 11 4.47 -5.71 15.23
N ILE A 11 4.35 -5.80 15.22
CA ILE A 11 3.52 -4.93 14.44
CA ILE A 11 3.48 -5.06 14.32
C ILE A 11 2.18 -4.88 15.16
C ILE A 11 2.07 -5.00 14.92
N PHE A 12 1.60 -3.68 15.24
N PHE A 12 1.64 -3.79 15.24
CA PHE A 12 0.23 -3.51 15.71
CA PHE A 12 0.32 -3.58 15.79
C PHE A 12 -0.73 -4.02 14.65
C PHE A 12 -0.75 -3.98 14.76
N LEU A 13 -1.63 -4.92 15.04
N LEU A 13 -1.58 -4.95 15.15
CA LEU A 13 -2.62 -5.46 14.11
CA LEU A 13 -2.54 -5.54 14.22
C LEU A 13 -3.77 -4.46 13.96
C LEU A 13 -3.71 -4.60 13.97
N SER A 14 -4.28 -4.30 12.74
N SER A 14 -3.97 -4.31 12.69
CA SER A 14 -5.39 -3.37 12.55
CA SER A 14 -4.95 -3.33 12.28
C SER A 14 -6.64 -3.88 13.25
C SER A 14 -6.31 -3.56 12.94
N PRO A 15 -7.23 -3.13 14.18
N PRO A 15 -6.78 -2.66 13.80
CA PRO A 15 -8.53 -3.56 14.73
CA PRO A 15 -8.12 -2.86 14.36
C PRO A 15 -9.66 -3.40 13.74
C PRO A 15 -9.22 -2.71 13.33
N TYR A 16 -9.53 -2.47 12.79
N TYR A 16 -8.97 -1.94 12.27
CA TYR A 16 -10.56 -2.25 11.78
CA TYR A 16 -9.94 -1.80 11.20
C TYR A 16 -10.59 -3.40 10.78
C TYR A 16 -10.24 -3.15 10.52
N TYR A 17 -9.45 -3.71 10.15
N TYR A 17 -9.26 -4.05 10.46
CA TYR A 17 -9.38 -4.94 9.38
CA TYR A 17 -9.31 -5.31 9.70
C TYR A 17 -9.76 -6.11 10.27
C TYR A 17 -9.70 -6.52 10.53
N ALA A 18 -9.31 -6.11 11.52
N ALA A 18 -9.29 -6.60 11.80
CA ALA A 18 -9.72 -7.17 12.43
CA ALA A 18 -9.59 -7.78 12.60
C ALA A 18 -11.23 -7.22 12.57
C ALA A 18 -11.09 -7.97 12.78
N ASN A 19 -11.87 -6.05 12.68
N ASN A 19 -11.83 -6.87 12.96
CA ASN A 19 -13.32 -6.03 12.77
CA ASN A 19 -13.28 -6.98 13.08
C ASN A 19 -13.97 -6.52 11.48
C ASN A 19 -13.92 -7.42 11.77
N GLU A 20 -13.42 -6.11 10.33
N GLU A 20 -13.36 -7.02 10.63
CA GLU A 20 -13.95 -6.59 9.07
CA GLU A 20 -13.91 -7.41 9.34
C GLU A 20 -13.83 -8.11 8.96
C GLU A 20 -13.79 -8.91 9.12
N VAL A 21 -12.68 -8.64 9.36
N VAL A 21 -12.61 -9.49 9.37
CA VAL A 21 -12.43 -10.08 9.24
CA VAL A 21 -12.45 -10.92 9.14
C VAL A 21 -13.31 -10.87 10.19
C VAL A 21 -13.21 -11.73 10.18
N ALA A 22 -13.47 -10.38 11.43
N ALA A 22 -13.35 -11.21 11.40
CA ALA A 22 -14.30 -11.09 12.40
CA ALA A 22 -14.15 -11.89 12.41
C ALA A 22 -15.74 -11.17 11.90
C ALA A 22 -15.60 -12.00 11.94
N ALA A 23 -16.26 -10.07 11.36
N ALA A 23 -16.17 -10.89 11.47
CA ALA A 23 -17.62 -10.09 10.85
CA ALA A 23 -17.52 -10.92 10.93
C ALA A 23 -17.72 -11.00 9.63
C ALA A 23 -17.60 -11.79 9.68
N ALA A 24 -16.68 -11.01 8.80
N ALA A 24 -16.52 -11.81 8.89
CA ALA A 24 -16.67 -11.85 7.61
CA ALA A 24 -16.51 -12.63 7.68
C ALA A 24 -16.61 -13.33 7.97
C ALA A 24 -16.43 -14.12 8.02
N ALA A 25 -15.78 -13.69 8.96
N ALA A 25 -15.57 -14.49 8.96
CA ALA A 25 -15.55 -15.10 9.24
CA ALA A 25 -15.46 -15.90 9.35
C ALA A 25 -16.80 -15.77 9.77
C ALA A 25 -16.76 -16.44 9.92
N LYS A 26 -17.60 -15.06 10.58
N LYS A 26 -17.61 -15.56 10.46
CA LYS A 26 -18.79 -15.69 11.15
CA LYS A 26 -18.94 -15.96 10.89
C LYS A 26 -19.85 -15.96 10.09
C LYS A 26 -19.75 -16.50 9.72
N GLN A 27 -19.76 -15.33 8.92
N GLN A 27 -19.80 -15.75 8.62
CA GLN A 27 -20.69 -15.60 7.83
CA GLN A 27 -20.58 -16.16 7.46
C GLN A 27 -20.23 -16.72 6.91
C GLN A 27 -19.95 -17.32 6.71
N ILE A 28 -19.01 -17.23 7.09
N ILE A 28 -18.65 -17.57 6.90
CA ILE A 28 -18.51 -18.35 6.29
CA ILE A 28 -18.02 -18.73 6.29
C ILE A 28 -19.01 -19.63 6.94
C ILE A 28 -18.69 -19.97 6.87
N THR A 29 -19.68 -20.49 6.15
CA THR A 29 -20.47 -21.59 6.69
C THR A 29 -19.64 -22.83 6.98
N ASP A 30 -18.71 -23.18 6.09
CA ASP A 30 -17.85 -24.33 6.36
C ASP A 30 -17.00 -24.03 7.58
N PRO A 31 -17.08 -24.85 8.64
CA PRO A 31 -16.40 -24.51 9.89
C PRO A 31 -14.88 -24.45 9.77
N THR A 32 -14.28 -25.33 8.97
CA THR A 32 -12.84 -25.32 8.80
C THR A 32 -12.39 -24.05 8.09
N LEU A 33 -13.14 -23.62 7.06
N LEU A 33 -13.05 -23.72 6.96
CA LEU A 33 -12.82 -22.38 6.36
CA LEU A 33 -12.66 -22.51 6.23
C LEU A 33 -13.04 -21.15 7.24
C LEU A 33 -12.91 -21.28 7.08
N SER A 34 -14.12 -21.15 8.02
N SER A 34 -13.86 -21.35 8.00
CA SER A 34 -14.42 -19.99 8.88
CA SER A 34 -14.06 -20.26 8.95
C SER A 34 -13.30 -19.73 9.88
C SER A 34 -12.87 -20.13 9.89
N SER A 35 -12.74 -20.79 10.47
N SER A 35 -12.35 -21.27 10.38
CA SER A 35 -11.66 -20.60 11.44
CA SER A 35 -11.17 -21.21 11.24
C SER A 35 -10.39 -20.09 10.76
C SER A 35 -9.93 -20.76 10.49
N LYS A 36 -10.09 -20.58 9.56
N LYS A 36 -9.81 -21.13 9.21
CA LYS A 36 -8.97 -20.03 8.80
CA LYS A 36 -8.74 -20.58 8.39
C LYS A 36 -9.19 -18.56 8.50
C LYS A 36 -8.93 -19.09 8.17
N ALA A 37 -10.41 -18.20 8.11
N ALA A 37 -10.16 -18.68 7.88
CA ALA A 37 -10.73 -16.80 7.83
CA ALA A 37 -10.45 -17.27 7.68
C ALA A 37 -10.53 -15.93 9.06
C ALA A 37 -10.24 -16.46 8.94
N ALA A 38 -10.99 -16.39 10.22
N ALA A 38 -10.64 -17.01 10.10
CA ALA A 38 -10.83 -15.61 11.45
CA ALA A 38 -10.49 -16.29 11.35
C ALA A 38 -9.36 -15.34 11.75
C ALA A 38 -9.03 -15.98 11.64
N SER A 39 -8.49 -16.30 11.41
N SER A 39 -8.12 -16.86 11.23
CA SER A 39 -7.07 -16.15 11.71
CA SER A 39 -6.71 -16.68 11.50
C SER A 39 -6.42 -15.04 10.89
C SER A 39 -6.09 -15.51 10.73
N VAL A 40 -7.07 -14.59 9.82
N VAL A 40 -6.79 -14.98 9.72
CA VAL A 40 -6.52 -13.50 9.00
CA VAL A 40 -6.29 -13.84 8.96
C VAL A 40 -6.39 -12.22 9.81
C VAL A 40 -6.14 -12.61 9.84
N ALA A 41 -7.21 -12.05 10.85
N ALA A 41 -6.95 -12.51 10.90
CA ALA A 41 -7.11 -10.87 11.70
CA ALA A 41 -6.86 -11.35 11.80
C ALA A 41 -5.78 -10.81 12.46
C ALA A 41 -5.52 -11.27 12.50
N ASN A 42 -5.05 -11.91 12.53
N ASN A 42 -4.75 -12.34 12.52
CA ASN A 42 -3.74 -11.95 13.19
CA ASN A 42 -3.43 -12.37 13.12
C ASN A 42 -2.60 -11.67 12.22
C ASN A 42 -2.35 -11.92 12.16
N ILE A 43 -2.89 -11.40 10.96
N ILE A 43 -2.74 -11.52 10.96
CA ILE A 43 -1.84 -11.16 9.95
CA ILE A 43 -1.81 -11.18 9.88
C ILE A 43 -1.68 -9.65 9.80
C ILE A 43 -1.85 -9.67 9.68
N PRO A 44 -0.47 -9.11 9.96
N PRO A 44 -0.73 -8.98 9.83
CA PRO A 44 -0.32 -7.65 9.91
CA PRO A 44 -0.74 -7.51 9.80
C PRO A 44 -0.60 -7.08 8.52
C PRO A 44 -1.00 -6.96 8.41
N THR A 45 -1.35 -5.97 8.52
N THR A 45 -1.84 -5.94 8.37
CA THR A 45 -1.73 -5.26 7.29
CA THR A 45 -2.11 -5.19 7.15
C THR A 45 -1.57 -3.74 7.50
C THR A 45 -1.76 -3.74 7.42
N PHE A 46 -1.77 -2.97 6.41
N PHE A 46 -1.43 -3.06 6.35
CA PHE A 46 -1.65 -1.51 6.43
CA PHE A 46 -1.42 -1.61 6.41
C PHE A 46 -3.02 -0.84 6.54
C PHE A 46 -2.85 -1.13 6.51
N THR A 47 -3.07 0.25 7.32
N THR A 47 -3.06 -0.13 7.35
CA THR A 47 -4.26 1.08 7.48
CA THR A 47 -4.36 0.55 7.45
C THR A 47 -4.23 2.20 6.45
C THR A 47 -4.28 1.84 6.65
N TRP A 48 -5.27 2.30 5.64
N TRP A 48 -5.27 2.05 5.79
CA TRP A 48 -5.29 3.29 4.57
CA TRP A 48 -5.24 3.15 4.85
C TRP A 48 -5.93 4.59 5.08
C TRP A 48 -5.91 4.39 5.45
N LEU A 49 -5.13 5.64 5.15
N LEU A 49 -5.19 5.51 5.43
CA LEU A 49 -5.63 6.97 5.50
CA LEU A 49 -5.78 6.79 5.81
C LEU A 49 -6.09 7.64 4.20
C LEU A 49 -6.19 7.54 4.54
N ASP A 50 -7.22 7.13 3.72
N ASP A 50 -7.29 7.08 3.94
CA ASP A 50 -7.74 7.48 2.40
CA ASP A 50 -7.72 7.66 2.67
C ASP A 50 -8.58 8.76 2.42
C ASP A 50 -8.64 8.86 2.84
N SER A 51 -8.73 9.38 3.58
N SER A 51 -8.77 9.38 4.06
CA SER A 51 -9.49 10.61 3.75
CA SER A 51 -9.61 10.54 4.32
C SER A 51 -9.14 11.17 5.13
C SER A 51 -9.18 11.18 5.63
N VAL A 52 -9.47 12.45 5.33
N VAL A 52 -9.47 12.48 5.76
CA VAL A 52 -9.30 13.08 6.65
CA VAL A 52 -9.20 13.17 7.02
C VAL A 52 -10.15 12.36 7.68
C VAL A 52 -10.03 12.58 8.15
N ALA A 53 -11.28 11.79 7.25
N ALA A 53 -11.21 12.04 7.82
CA ALA A 53 -12.14 11.04 8.16
CA ALA A 53 -12.08 11.44 8.84
C ALA A 53 -11.43 9.88 8.82
C ALA A 53 -11.40 10.33 9.63
N LYS A 54 -10.32 9.40 8.26
N LYS A 54 -10.39 9.66 9.06
CA LYS A 54 -9.59 8.27 8.83
CA LYS A 54 -9.74 8.55 9.72
C LYS A 54 -8.58 8.69 9.87
C LYS A 54 -8.49 8.95 10.49
N ILE A 55 -8.31 9.98 10.03
N ILE A 55 -8.09 10.23 10.44
CA ILE A 55 -7.23 10.41 10.91
CA ILE A 55 -6.96 10.68 11.25
C ILE A 55 -7.53 10.13 12.38
C ILE A 55 -7.17 10.42 12.74
N PRO A 56 -8.76 10.34 12.87
N PRO A 56 -8.34 10.67 13.33
CA PRO A 56 -9.05 9.94 14.25
CA PRO A 56 -8.54 10.26 14.72
C PRO A 56 -8.75 8.47 14.52
C PRO A 56 -8.29 8.78 14.96
N ASP A 57 -9.03 7.60 13.56
N ASP A 57 -8.58 7.93 13.99
CA ASP A 57 -8.66 6.20 13.71
CA ASP A 57 -8.33 6.51 14.17
C ASP A 57 -7.17 6.05 13.95
C ASP A 57 -6.84 6.20 14.20
N LEU A 58 -6.35 6.73 13.14
N LEU A 58 -6.03 6.93 13.41
CA LEU A 58 -4.91 6.69 13.31
CA LEU A 58 -4.57 6.84 13.59
C LEU A 58 -4.52 7.00 14.75
C LEU A 58 -4.19 7.15 15.03
N GLY A 59 -5.09 8.07 15.31
N GLY A 59 -4.77 8.21 15.60
CA GLY A 59 -4.76 8.44 16.68
CA GLY A 59 -4.64 8.43 17.02
C GLY A 59 -5.01 7.34 17.68
C GLY A 59 -5.04 7.22 17.84
N THR A 60 -6.14 6.65 17.54
N THR A 60 -6.22 6.65 17.55
CA THR A 60 -6.40 5.56 18.47
CA THR A 60 -6.66 5.48 18.32
C THR A 60 -5.42 4.41 18.28
C THR A 60 -5.74 4.29 18.13
N TYR A 61 -4.96 4.16 17.06
N TYR A 61 -5.27 4.07 16.91
CA TYR A 61 -4.03 3.05 16.84
CA TYR A 61 -4.38 2.93 16.70
C TYR A 61 -2.68 3.33 17.51
C TYR A 61 -3.02 3.19 17.34
N LEU A 62 -2.19 4.56 17.39
N LEU A 62 -2.51 4.41 17.21
CA LEU A 62 -0.93 4.92 18.04
CA LEU A 62 -1.24 4.77 17.85
C LEU A 62 -1.02 4.76 19.56
C LEU A 62 -1.35 4.62 19.36
N ALA A 63 -2.09 5.27 20.16
N ALA A 63 -2.44 5.11 19.95
CA ALA A 63 -2.23 5.17 21.62
CA ALA A 63 -2.60 5.05 21.40
C ALA A 63 -2.42 3.72 22.04
C ALA A 63 -2.77 3.61 21.88
N SER A 64 -3.19 2.96 21.29
N SER A 64 -3.49 2.79 21.13
CA SER A 64 -3.41 1.55 21.63
CA SER A 64 -3.59 1.37 21.48
C SER A 64 -2.11 0.77 21.51
C SER A 64 -2.24 0.67 21.39
N ALA A 65 -1.41 0.92 20.38
N ALA A 65 -1.35 1.14 20.49
CA ALA A 65 -0.11 0.30 20.21
CA ALA A 65 -0.03 0.54 20.31
C ALA A 65 0.81 0.63 21.37
C ALA A 65 0.93 0.97 21.41
N SER A 66 0.85 1.91 21.78
N SER A 66 0.91 2.26 21.78
CA SER A 66 1.70 2.31 22.89
CA SER A 66 1.78 2.73 22.85
C SER A 66 1.35 1.51 24.15
C SER A 66 1.52 1.94 24.13
N ALA A 67 0.06 1.38 24.45
N ALA A 67 0.25 1.80 24.51
CA ALA A 67 -0.35 0.64 25.64
CA ALA A 67 -0.11 1.07 25.72
C ALA A 67 -0.07 -0.85 25.50
C ALA A 67 0.24 -0.41 25.61
N LEU A 68 -0.27 -1.42 24.31
N LEU A 68 0.02 -1.02 24.44
CA LEU A 68 0.02 -2.84 24.12
CA LEU A 68 0.37 -2.42 24.25
C LEU A 68 1.49 -3.12 24.30
C LEU A 68 1.87 -2.64 24.45
N GLY A 69 2.35 -2.24 23.80
N GLY A 69 2.69 -1.72 23.92
CA GLY A 69 3.78 -2.42 23.98
CA GLY A 69 4.12 -1.83 24.13
C GLY A 69 4.17 -2.45 25.45
C GLY A 69 4.49 -1.79 25.60
N LYS A 70 3.60 -1.54 26.24
N LYS A 70 3.87 -0.90 26.36
CA LYS A 70 3.88 -1.54 27.67
CA LYS A 70 4.17 -0.85 27.79
C LYS A 70 3.34 -2.79 28.35
C LYS A 70 3.67 -2.10 28.52
N SER A 71 2.19 -3.30 27.90
N SER A 71 2.51 -2.64 28.14
CA SER A 71 1.60 -4.47 28.53
CA SER A 71 1.98 -3.80 28.83
C SER A 71 2.34 -5.76 28.20
C SER A 71 2.85 -5.04 28.61
N THR A 72 3.13 -5.77 27.13
N THR A 72 3.41 -5.18 27.41
CA THR A 72 3.81 -6.97 26.66
CA THR A 72 4.15 -6.38 27.04
C THR A 72 5.33 -6.85 26.62
C THR A 72 5.65 -6.21 27.07
N GLY A 73 5.90 -5.72 27.02
N GLY A 73 6.13 -4.99 27.30
CA GLY A 73 7.34 -5.52 26.95
CA GLY A 73 7.55 -4.70 27.28
C GLY A 73 7.91 -5.34 25.55
C GLY A 73 8.17 -4.57 25.91
N THR A 74 7.06 -4.98 24.58
N THR A 74 7.37 -4.38 24.88
CA THR A 74 7.47 -4.87 23.19
CA THR A 74 7.84 -4.46 23.51
C THR A 74 7.47 -3.42 22.74
C THR A 74 7.79 -3.10 22.84
N LYS A 75 8.28 -3.13 21.71
N LYS A 75 8.21 -3.08 21.58
CA LYS A 75 8.19 -1.88 20.98
CA LYS A 75 8.22 -1.90 20.73
C LYS A 75 7.28 -2.11 19.78
C LYS A 75 7.25 -2.19 19.59
N GLN A 76 6.33 -1.21 19.57
N GLN A 76 6.13 -1.46 19.55
CA GLN A 76 5.26 -1.42 18.61
CA GLN A 76 5.08 -1.71 18.56
C GLN A 76 5.42 -0.56 17.37
C GLN A 76 5.27 -0.82 17.33
N LEU A 77 4.89 -1.07 16.26
N LEU A 77 4.77 -1.33 16.19
CA LEU A 77 5.03 -0.44 14.96
CA LEU A 77 4.95 -0.71 14.89
C LEU A 77 3.65 -0.42 14.29
C LEU A 77 3.59 -0.61 14.23
N VAL A 78 3.25 0.76 13.82
N VAL A 78 3.21 0.60 13.83
CA VAL A 78 1.96 0.99 13.17
CA VAL A 78 1.93 0.86 13.17
C VAL A 78 2.20 1.26 11.69
C VAL A 78 2.23 1.10 11.69
N GLN A 79 1.46 0.54 10.85
N GLN A 79 1.44 0.46 10.83
CA GLN A 79 1.61 0.53 9.39
CA GLN A 79 1.60 0.52 9.37
C GLN A 79 0.46 1.30 8.73
C GLN A 79 0.46 1.32 8.76
N ILE A 80 0.79 2.37 8.01
CA ILE A 80 -0.22 3.23 7.40
C ILE A 80 0.08 3.49 5.93
N VAL A 81 -0.99 3.85 5.21
CA VAL A 81 -0.89 4.33 3.84
C VAL A 81 -1.39 5.76 3.81
N ILE A 82 -0.57 6.64 3.26
CA ILE A 82 -0.93 8.04 2.99
C ILE A 82 -1.55 8.04 1.60
N TYR A 83 -2.85 8.35 1.50
CA TYR A 83 -3.57 8.15 0.24
C TYR A 83 -4.71 9.17 0.12
N ASP A 84 -4.35 10.44 -0.07
CA ASP A 84 -5.38 11.46 -0.18
C ASP A 84 -4.98 12.61 -1.07
N LEU A 85 -4.17 12.37 -2.10
CA LEU A 85 -3.73 13.47 -2.96
C LEU A 85 -4.92 14.16 -3.62
N PRO A 86 -4.79 15.47 -3.87
N PRO A 86 -4.85 15.47 -3.85
CA PRO A 86 -5.74 16.17 -4.73
CA PRO A 86 -5.91 16.08 -4.64
C PRO A 86 -5.68 15.61 -6.14
C PRO A 86 -5.90 15.49 -6.04
N ASP A 87 -6.84 15.56 -6.79
N ASP A 87 -7.09 15.34 -6.63
CA ASP A 87 -6.93 14.95 -8.12
CA ASP A 87 -7.22 14.67 -7.92
C ASP A 87 -6.32 13.56 -8.11
C ASP A 87 -6.61 13.27 -7.86
N ARG A 88 -6.61 12.81 -7.05
N ARG A 88 -6.88 12.57 -6.77
CA ARG A 88 -6.06 11.48 -6.84
CA ARG A 88 -6.34 11.23 -6.55
C ARG A 88 -6.39 10.56 -8.01
C ARG A 88 -6.70 10.31 -7.69
N ASP A 89 -5.48 9.64 -8.29
N ASP A 89 -5.76 9.43 -8.04
CA ASP A 89 -5.68 8.61 -9.31
CA ASP A 89 -5.97 8.43 -9.09
C ASP A 89 -5.95 9.23 -10.69
C ASP A 89 -6.35 9.09 -10.41
N CYS A 90 -5.00 10.06 -11.14
N CYS A 90 -5.40 9.88 -10.93
CA CYS A 90 -5.27 10.92 -12.29
CA CYS A 90 -5.67 10.75 -12.07
C CYS A 90 -5.57 10.15 -13.57
C CYS A 90 -6.00 9.97 -13.34
N ALA A 91 -5.05 8.92 -13.73
N ALA A 91 -5.55 8.73 -13.47
CA ALA A 91 -5.29 8.15 -14.94
CA ALA A 91 -5.83 8.01 -14.70
C ALA A 91 -6.45 7.17 -14.82
C ALA A 91 -7.24 7.42 -14.72
N ALA A 92 -7.11 7.11 -13.67
N ALA A 92 -7.98 7.51 -13.63
CA ALA A 92 -8.23 6.20 -13.51
CA ALA A 92 -9.35 7.02 -13.60
C ALA A 92 -9.49 6.77 -14.15
C ALA A 92 -10.30 8.09 -14.16
N LYS A 93 -10.40 5.86 -14.50
N LYS A 93 -11.28 7.65 -14.94
CA LYS A 93 -11.69 6.31 -15.02
CA LYS A 93 -12.27 8.58 -15.47
C LYS A 93 -12.50 7.04 -13.96
C LYS A 93 -13.08 9.20 -14.34
N ALA A 94 -12.30 6.70 -12.69
N ALA A 94 -13.71 8.36 -13.52
CA ALA A 94 -13.03 7.31 -11.59
CA ALA A 94 -14.47 8.84 -12.38
C ALA A 94 -12.15 7.30 -10.35
C ALA A 94 -13.50 9.27 -11.29
N SER A 95 -12.26 8.34 -9.53
N SER A 95 -13.55 10.54 -10.91
CA SER A 95 -11.50 8.44 -8.30
CA SER A 95 -12.70 11.04 -9.84
C SER A 95 -12.40 8.79 -7.13
C SER A 95 -13.03 10.35 -8.53
N ASN A 96 -12.07 8.26 -5.96
N ASN A 96 -12.00 10.14 -7.71
CA ASN A 96 -12.81 8.51 -4.73
CA ASN A 96 -12.16 9.64 -6.35
C ASN A 96 -12.12 9.53 -3.83
C ASN A 96 -11.33 10.47 -5.40
N GLY A 97 -11.12 10.25 -4.33
N GLY A 97 -11.67 10.38 -4.12
CA GLY A 97 -10.42 11.22 -3.49
CA GLY A 97 -10.91 11.15 -3.14
C GLY A 97 -11.28 12.45 -3.19
C GLY A 97 -11.51 12.52 -2.90
N GLU A 98 -11.21 12.91 -1.94
N GLU A 98 -11.39 12.99 -1.66
CA GLU A 98 -12.04 14.02 -1.45
CA GLU A 98 -12.11 14.20 -1.27
C GLU A 98 -11.49 15.40 -1.77
C GLU A 98 -11.54 15.45 -1.92
N PHE A 99 -10.25 15.51 -2.22
CA PHE A 99 -9.64 16.78 -2.57
C PHE A 99 -9.47 16.96 -4.06
N SER A 100 -9.65 18.19 -4.53
CA SER A 100 -9.46 18.52 -5.92
C SER A 100 -8.50 19.69 -6.04
N ILE A 101 -7.65 19.64 -7.07
CA ILE A 101 -6.70 20.71 -7.29
C ILE A 101 -7.39 22.04 -7.43
N ALA A 102 -8.54 22.06 -8.11
N ALA A 102 -8.54 22.07 -8.13
CA ALA A 102 -9.28 23.29 -8.41
CA ALA A 102 -9.25 23.32 -8.34
C ALA A 102 -9.92 23.91 -7.18
C ALA A 102 -9.78 23.91 -7.04
N ASN A 103 -9.97 23.21 -6.05
N ASN A 103 -10.12 23.07 -6.07
CA ASN A 103 -10.55 23.72 -4.80
CA ASN A 103 -10.72 23.51 -4.82
C ASN A 103 -9.48 23.63 -3.71
C ASN A 103 -9.73 23.31 -3.68
N ASN A 104 -8.39 24.37 -3.86
N ASN A 104 -8.73 24.19 -3.63
CA ASN A 104 -7.37 24.47 -2.83
CA ASN A 104 -7.81 24.30 -2.50
C ASN A 104 -6.82 23.10 -2.43
C ASN A 104 -7.08 22.98 -2.23
N GLY A 105 -6.79 22.16 -3.39
N GLY A 105 -6.66 22.31 -3.30
CA GLY A 105 -6.54 20.77 -3.04
CA GLY A 105 -6.06 21.00 -3.14
C GLY A 105 -5.19 20.56 -2.38
C GLY A 105 -4.81 20.98 -2.29
N GLN A 106 -4.14 21.19 -2.91
N GLN A 106 -3.82 21.79 -2.68
CA GLN A 106 -2.83 21.07 -2.29
CA GLN A 106 -2.52 21.77 -2.03
C GLN A 106 -2.85 21.60 -0.86
C GLN A 106 -2.64 22.11 -0.54
N ALA A 107 -3.49 22.76 -0.65
N ALA A 107 -3.32 23.21 -0.22
CA ALA A 107 -3.53 23.31 0.71
CA ALA A 107 -3.46 23.59 1.19
C ALA A 107 -4.30 22.38 1.63
C ALA A 107 -4.25 22.55 1.97
N ASN A 108 -5.40 21.80 1.15
N ASN A 108 -5.31 22.01 1.38
CA ASN A 108 -6.17 20.86 1.96
CA ASN A 108 -6.10 21.01 2.08
C ASN A 108 -5.38 19.60 2.24
C ASN A 108 -5.26 19.77 2.37
N TYR A 109 -4.61 19.13 1.25
N TYR A 109 -4.42 19.37 1.41
CA TYR A 109 -3.77 17.96 1.46
CA TYR A 109 -3.58 18.19 1.61
C TYR A 109 -2.71 18.24 2.51
C TYR A 109 -2.53 18.44 2.68
N GLU A 110 -2.10 19.43 2.46
N GLU A 110 -1.94 19.64 2.69
CA GLU A 110 -1.06 19.73 3.43
CA GLU A 110 -1.04 20.01 3.77
C GLU A 110 -1.63 19.83 4.84
C GLU A 110 -1.74 19.90 5.11
N ASN A 111 -2.88 20.27 4.98
N ASN A 111 -2.99 20.35 5.17
CA ASN A 111 -3.52 20.25 6.29
CA ASN A 111 -3.75 20.24 6.42
C ASN A 111 -3.82 18.81 6.76
C ASN A 111 -3.94 18.78 6.81
N TYR A 112 -4.20 17.93 5.83
CA TYR A 112 -4.33 16.50 6.11
C TYR A 112 -3.02 15.92 6.66
N ILE A 113 -1.90 16.25 6.00
CA ILE A 113 -0.59 15.82 6.53
C ILE A 113 -0.35 16.41 7.92
N ASP A 114 -0.67 17.70 8.11
CA ASP A 114 -0.42 18.32 9.40
C ASP A 114 -1.20 17.61 10.51
N GLN A 115 -2.44 17.20 10.22
CA GLN A 115 -3.24 16.50 11.22
C GLN A 115 -2.65 15.14 11.55
N ILE A 116 -2.10 14.46 10.53
CA ILE A 116 -1.45 13.18 10.76
C ILE A 116 -0.19 13.37 11.61
N VAL A 117 0.64 14.34 11.24
CA VAL A 117 1.85 14.63 12.01
C VAL A 117 1.49 14.95 13.46
N ALA A 118 0.42 15.71 13.68
CA ALA A 118 0.04 16.11 15.03
C ALA A 118 -0.34 14.90 15.88
N GLN A 119 -0.93 13.87 15.26
CA GLN A 119 -1.16 12.61 15.98
C GLN A 119 0.14 11.89 16.28
N ILE A 120 0.96 11.67 15.26
N ILE A 120 0.99 11.70 15.27
CA ILE A 120 2.17 10.86 15.39
CA ILE A 120 2.25 10.98 15.45
C ILE A 120 3.11 11.45 16.43
C ILE A 120 3.14 11.64 16.49
N GLN A 121 3.21 12.78 16.47
N GLN A 121 3.11 12.98 16.56
CA GLN A 121 4.08 13.50 17.41
CA GLN A 121 3.90 13.71 17.54
C GLN A 121 3.76 13.15 18.85
C GLN A 121 3.60 13.31 18.98
N GLN A 122 2.51 12.87 19.17
N GLN A 122 2.46 12.65 19.24
CA GLN A 122 2.12 12.62 20.55
CA GLN A 122 2.01 12.35 20.59
C GLN A 122 2.55 11.25 21.05
C GLN A 122 2.47 10.99 21.09
N PHE A 123 2.95 10.34 20.16
N PHE A 123 3.09 10.17 20.24
CA PHE A 123 3.23 8.95 20.52
CA PHE A 123 3.44 8.80 20.61
C PHE A 123 4.62 8.54 20.06
C PHE A 123 4.84 8.49 20.08
N PRO A 124 5.67 9.19 20.58
N PRO A 124 5.86 9.10 20.68
CA PRO A 124 7.03 8.93 20.08
CA PRO A 124 7.24 8.81 20.25
C PRO A 124 7.57 7.55 20.38
C PRO A 124 7.65 7.35 20.45
N ASP A 125 6.96 6.80 21.30
N ASP A 125 7.01 6.63 21.39
CA ASP A 125 7.42 5.44 21.57
CA ASP A 125 7.43 5.27 21.65
C ASP A 125 6.80 4.39 20.64
C ASP A 125 7.01 4.30 20.56
N VAL A 126 6.06 4.82 19.62
N VAL A 126 6.09 4.70 19.69
CA VAL A 126 5.49 3.93 18.62
CA VAL A 126 5.59 3.86 18.61
C VAL A 126 6.15 4.24 17.28
C VAL A 126 6.31 4.20 17.33
N ARG A 127 6.72 3.22 16.64
N ARG A 127 6.72 3.15 16.59
CA ARG A 127 7.27 3.43 15.31
CA ARG A 127 7.30 3.31 15.26
C ARG A 127 6.15 3.41 14.28
C ARG A 127 6.20 3.32 14.23
N VAL A 128 6.31 4.20 13.22
CA VAL A 128 5.34 4.27 12.14
C VAL A 128 6.07 4.00 10.83
N VAL A 129 5.50 3.11 10.02
CA VAL A 129 5.93 2.91 8.65
C VAL A 129 4.78 3.35 7.75
N ALA A 130 5.07 4.19 6.77
CA ALA A 130 4.06 4.71 5.86
C ALA A 130 4.43 4.40 4.41
N VAL A 131 3.45 3.89 3.66
CA VAL A 131 3.51 3.86 2.21
C VAL A 131 2.96 5.20 1.71
N ILE A 132 3.70 5.86 0.84
CA ILE A 132 3.34 7.20 0.38
C ILE A 132 2.66 7.12 -0.97
N GLU A 133 1.35 7.39 -0.97
CA GLU A 133 0.52 7.70 -2.14
C GLU A 133 0.59 6.69 -3.28
N PRO A 134 0.01 5.51 -3.08
N PRO A 134 -0.07 5.54 -3.10
CA PRO A 134 -0.22 4.61 -4.21
CA PRO A 134 -0.20 4.57 -4.19
C PRO A 134 -0.91 5.33 -5.37
C PRO A 134 -0.64 5.20 -5.51
N ASP A 135 -0.57 4.89 -6.59
N ASP A 135 -0.06 4.68 -6.60
CA ASP A 135 -1.23 5.38 -7.81
CA ASP A 135 -0.39 5.01 -7.99
C ASP A 135 -1.00 6.88 -8.03
C ASP A 135 0.11 6.35 -8.47
N SER A 136 0.22 7.37 -7.74
N SER A 136 0.17 7.34 -7.57
CA SER A 136 0.58 8.77 -7.92
CA SER A 136 0.34 8.73 -7.92
C SER A 136 1.82 8.97 -8.79
C SER A 136 1.55 8.97 -8.82
N LEU A 137 3.00 8.82 -8.20
N LEU A 137 2.75 9.02 -8.24
CA LEU A 137 4.24 9.06 -8.94
CA LEU A 137 3.95 9.38 -8.97
C LEU A 137 4.36 8.15 -10.15
C LEU A 137 4.22 8.45 -10.17
N ALA A 138 3.88 6.90 -10.05
N ALA A 138 3.84 7.17 -10.07
CA ALA A 138 3.99 6.00 -11.18
CA ALA A 138 4.01 6.27 -11.19
C ALA A 138 3.27 6.58 -12.40
C ALA A 138 3.21 6.70 -12.42
N ASN A 139 2.08 7.18 -12.17
N ASN A 139 2.25 7.62 -12.26
CA ASN A 139 1.32 7.83 -13.25
CA ASN A 139 1.61 8.23 -13.42
C ASN A 139 2.12 8.96 -13.89
C ASN A 139 2.47 9.30 -14.06
N LEU A 140 3.04 9.59 -13.16
N LEU A 140 3.32 9.95 -13.28
CA LEU A 140 3.83 10.67 -13.72
CA LEU A 140 4.27 10.90 -13.83
C LEU A 140 5.03 10.17 -14.53
C LEU A 140 5.35 10.21 -14.62
N VAL A 141 5.34 8.89 -14.49
N VAL A 141 5.25 8.89 -14.75
CA VAL A 141 6.33 8.34 -15.41
CA VAL A 141 6.06 8.10 -15.65
C VAL A 141 5.69 8.03 -16.75
C VAL A 141 5.28 7.67 -16.89
N THR A 142 4.63 7.26 -16.75
N THR A 142 4.17 6.93 -16.72
CA THR A 142 4.09 6.71 -17.99
CA THR A 142 3.53 6.30 -17.88
C THR A 142 2.82 7.37 -18.49
C THR A 142 2.23 6.93 -18.33
N ASN A 143 2.15 8.20 -17.68
N ASN A 143 1.61 7.80 -17.54
CA ASN A 143 0.81 8.69 -18.02
CA ASN A 143 0.29 8.34 -17.88
C ASN A 143 0.76 10.21 -18.16
C ASN A 143 0.28 9.85 -18.04
N LEU A 144 1.87 10.84 -18.56
N LEU A 144 1.42 10.44 -18.42
CA LEU A 144 1.85 12.29 -18.71
CA LEU A 144 1.43 11.88 -18.62
C LEU A 144 1.01 12.76 -19.89
C LEU A 144 0.58 12.31 -19.82
N ASN A 145 0.59 11.86 -20.77
N ASN A 145 0.22 11.39 -20.71
CA ASN A 145 -0.31 12.25 -21.83
CA ASN A 145 -0.73 11.70 -21.78
C ASN A 145 -1.77 12.18 -21.44
C ASN A 145 -2.18 11.65 -21.30
N VAL A 146 -2.07 11.71 -20.22
N VAL A 146 -2.43 11.25 -20.05
CA VAL A 146 -3.41 11.86 -19.65
CA VAL A 146 -3.74 11.43 -19.41
C VAL A 146 -3.50 13.29 -19.13
C VAL A 146 -3.83 12.88 -18.98
N GLN A 147 -4.46 14.05 -19.67
N GLN A 147 -4.80 13.61 -19.51
CA GLN A 147 -4.51 15.47 -19.34
CA GLN A 147 -4.94 15.03 -19.20
C GLN A 147 -4.62 15.68 -17.83
C GLN A 147 -4.99 15.27 -17.69
N LYS A 148 -5.45 14.90 -17.14
N LYS A 148 -5.79 14.48 -16.98
CA LYS A 148 -5.57 15.07 -15.70
CA LYS A 148 -5.91 14.66 -15.54
C LYS A 148 -4.24 14.84 -15.00
C LYS A 148 -4.57 14.44 -14.84
N CYS A 149 -3.44 13.90 -15.50
N CYS A 149 -3.75 13.51 -15.34
CA CYS A 149 -2.12 13.65 -14.88
CA CYS A 149 -2.44 13.29 -14.73
C CYS A 149 -1.15 14.77 -15.19
C CYS A 149 -1.47 14.41 -15.06
N ALA A 150 -1.08 15.20 -16.46
N ALA A 150 -1.50 14.92 -16.30
CA ALA A 150 -0.29 16.38 -16.79
CA ALA A 150 -0.52 15.91 -16.74
C ALA A 150 -0.72 17.56 -15.93
C ALA A 150 -0.64 17.22 -15.97
N ASN A 151 -2.04 17.73 -15.74
N ASN A 151 -1.86 17.73 -15.79
CA ASN A 151 -2.54 18.84 -14.95
CA ASN A 151 -2.04 19.00 -15.09
C ASN A 151 -2.30 18.63 -13.46
C ASN A 151 -1.92 18.86 -13.58
N ALA A 152 -2.11 17.39 -13.02
N ALA A 152 -1.97 17.63 -13.06
CA ALA A 152 -1.85 17.10 -11.62
CA ALA A 152 -1.80 17.36 -11.64
C ALA A 152 -0.36 17.07 -11.27
C ALA A 152 -0.35 17.10 -11.28
N LYS A 153 0.54 17.03 -12.26
CA LYS A 153 1.94 16.72 -12.00
C LYS A 153 2.55 17.61 -10.93
N THR A 154 2.45 18.93 -11.08
CA THR A 154 3.08 19.79 -10.09
C THR A 154 2.46 19.63 -8.71
N THR A 155 1.15 19.38 -8.64
CA THR A 155 0.51 19.20 -7.34
C THR A 155 0.92 17.88 -6.70
N TYR A 156 0.96 16.79 -7.48
CA TYR A 156 1.43 15.52 -6.94
C TYR A 156 2.84 15.67 -6.37
N LEU A 157 3.73 16.31 -7.12
CA LEU A 157 5.11 16.43 -6.67
C LEU A 157 5.19 17.31 -5.43
N ALA A 158 4.45 18.41 -5.39
N ALA A 158 4.46 18.41 -5.40
CA ALA A 158 4.50 19.30 -4.24
CA ALA A 158 4.52 19.31 -4.24
C ALA A 158 3.89 18.63 -3.02
C ALA A 158 3.90 18.67 -3.02
N SER A 159 2.80 17.91 -3.22
N SER A 159 2.76 17.98 -3.18
CA SER A 159 2.09 17.29 -2.10
CA SER A 159 2.09 17.38 -2.03
C SER A 159 2.88 16.12 -1.53
C SER A 159 2.85 16.17 -1.50
N VAL A 160 3.38 15.24 -2.39
N VAL A 160 3.39 15.34 -2.40
CA VAL A 160 4.26 14.18 -1.92
CA VAL A 160 4.24 14.23 -1.96
C VAL A 160 5.46 14.76 -1.20
C VAL A 160 5.46 14.75 -1.23
N ASN A 161 6.05 15.83 -1.74
CA ASN A 161 7.19 16.45 -1.06
C ASN A 161 6.80 16.93 0.34
N TYR A 162 5.63 17.55 0.47
CA TYR A 162 5.18 18.01 1.78
C TYR A 162 5.02 16.86 2.76
N ALA A 163 4.43 15.76 2.29
CA ALA A 163 4.29 14.56 3.12
C ALA A 163 5.63 14.03 3.56
N LEU A 164 6.57 13.84 2.63
N LEU A 164 6.57 13.84 2.62
CA LEU A 164 7.87 13.30 2.99
CA LEU A 164 7.86 13.26 2.94
C LEU A 164 8.59 14.22 3.97
C LEU A 164 8.58 14.07 4.02
N THR A 165 8.60 15.52 3.64
N THR A 165 8.60 15.38 3.86
CA THR A 165 9.36 16.49 4.43
CA THR A 165 9.38 16.23 4.77
C THR A 165 8.83 16.55 5.86
C THR A 165 8.71 16.32 6.13
N ASN A 166 7.51 16.53 6.02
N ASN A 166 7.39 16.54 6.16
CA ASN A 166 6.94 16.72 7.34
CA ASN A 166 6.72 16.73 7.45
C ASN A 166 6.79 15.44 8.14
C ASN A 166 6.55 15.44 8.21
N LEU A 167 6.49 14.31 7.49
N LEU A 167 6.50 14.30 7.51
CA LEU A 167 6.50 13.06 8.23
CA LEU A 167 6.50 13.01 8.19
C LEU A 167 7.91 12.70 8.70
C LEU A 167 7.90 12.63 8.66
N ALA A 168 8.93 13.09 7.95
CA ALA A 168 10.30 12.83 8.41
C ALA A 168 10.59 13.54 9.73
N LYS A 169 9.97 14.71 9.97
CA LYS A 169 10.21 15.46 11.19
C LYS A 169 9.74 14.72 12.44
N VAL A 170 8.83 13.75 12.29
CA VAL A 170 8.38 12.93 13.39
C VAL A 170 8.87 11.49 13.23
N GLY A 171 9.89 11.27 12.41
CA GLY A 171 10.61 10.02 12.41
C GLY A 171 9.90 8.86 11.76
N VAL A 172 8.94 9.14 10.87
N VAL A 172 8.97 9.12 10.84
CA VAL A 172 8.21 8.09 10.16
CA VAL A 172 8.22 8.06 10.17
C VAL A 172 9.11 7.49 9.10
C VAL A 172 9.09 7.45 9.07
N TYR A 173 9.17 6.16 9.05
N TYR A 173 9.13 6.11 9.02
CA TYR A 173 9.88 5.47 7.98
CA TYR A 173 9.87 5.39 7.98
C TYR A 173 8.95 5.33 6.78
C TYR A 173 8.98 5.23 6.75
N MET A 174 9.46 5.73 5.61
N MET A 174 9.42 5.79 5.63
CA MET A 174 8.61 5.98 4.46
CA MET A 174 8.56 5.88 4.47
C MET A 174 9.10 5.26 3.21
C MET A 174 9.08 5.08 3.28
N TYR A 175 8.12 4.69 2.50
N TYR A 175 8.13 4.49 2.56
CA TYR A 175 8.35 4.01 1.23
CA TYR A 175 8.38 3.84 1.28
C TYR A 175 7.41 4.65 0.22
C TYR A 175 7.40 4.45 0.28
N MET A 176 7.96 5.30 -0.81
N MET A 176 7.92 5.16 -0.73
CA MET A 176 7.13 5.90 -1.84
CA MET A 176 7.03 5.79 -1.71
C MET A 176 6.54 4.79 -2.70
C MET A 176 6.52 4.73 -2.66
N ASP A 177 5.27 4.88 -3.05
N ASP A 177 5.23 4.81 -3.02
CA ASP A 177 4.73 3.90 -3.97
CA ASP A 177 4.71 3.86 -3.98
C ASP A 177 5.45 3.99 -5.31
C ASP A 177 5.47 3.97 -5.29
N ALA A 178 5.77 2.82 -5.88
CA ALA A 178 6.50 2.75 -7.13
C ALA A 178 5.87 1.74 -8.07
N GLY A 179 4.55 1.67 -8.11
CA GLY A 179 3.93 0.77 -9.07
C GLY A 179 4.40 -0.67 -8.89
N HIS A 180 4.62 -1.38 -10.00
CA HIS A 180 4.94 -2.79 -9.97
C HIS A 180 5.69 -3.13 -11.25
N ALA A 181 6.10 -4.39 -11.38
CA ALA A 181 6.94 -4.80 -12.50
C ALA A 181 6.29 -4.53 -13.85
N GLY A 182 4.96 -4.64 -13.94
CA GLY A 182 4.28 -4.41 -15.19
C GLY A 182 3.95 -2.99 -15.49
N TRP A 183 4.31 -2.10 -14.57
CA TRP A 183 4.08 -0.68 -14.71
C TRP A 183 5.41 0.03 -14.95
N LEU A 184 6.26 0.09 -13.92
CA LEU A 184 7.55 0.75 -14.02
C LEU A 184 8.71 -0.21 -14.25
N GLY A 185 8.48 -1.52 -14.21
CA GLY A 185 9.55 -2.51 -14.33
C GLY A 185 9.97 -2.82 -15.75
N TRP A 186 9.16 -2.46 -16.75
CA TRP A 186 9.62 -2.52 -18.13
C TRP A 186 10.99 -1.86 -18.21
N PRO A 187 11.99 -2.52 -18.83
CA PRO A 187 13.33 -1.93 -18.87
C PRO A 187 13.35 -0.47 -19.30
N ALA A 188 12.53 -0.11 -20.28
CA ALA A 188 12.52 1.26 -20.78
C ALA A 188 11.96 2.25 -19.77
N ASN A 189 11.19 1.81 -18.79
CA ASN A 189 10.63 2.73 -17.79
C ASN A 189 11.52 2.88 -16.58
N LEU A 190 12.57 2.06 -16.44
CA LEU A 190 13.35 2.04 -15.21
C LEU A 190 14.09 3.34 -15.00
N SER A 191 14.70 3.90 -16.05
N SER A 191 14.90 3.74 -15.97
CA SER A 191 15.44 5.15 -15.91
CA SER A 191 15.68 4.96 -15.82
C SER A 191 14.55 6.36 -15.68
C SER A 191 14.77 6.16 -15.63
N PRO A 192 13.48 6.61 -16.45
N PRO A 192 13.71 6.36 -16.42
CA PRO A 192 12.61 7.75 -16.10
CA PRO A 192 12.74 7.41 -16.08
C PRO A 192 12.02 7.64 -14.71
C PRO A 192 12.22 7.29 -14.65
N ALA A 193 11.70 6.41 -14.26
N ALA A 193 11.89 6.08 -14.20
CA ALA A 193 11.21 6.24 -12.90
CA ALA A 193 11.42 5.90 -12.82
C ALA A 193 12.28 6.62 -11.89
C ALA A 193 12.51 6.24 -11.82
N ALA A 194 13.51 6.11 -12.06
N ALA A 194 13.71 5.69 -12.02
CA ALA A 194 14.58 6.43 -11.14
CA ALA A 194 14.80 5.98 -11.09
C ALA A 194 14.82 7.92 -11.08
C ALA A 194 15.08 7.46 -11.01
N GLN A 195 14.80 8.59 -12.23
N GLN A 195 15.03 8.17 -12.16
CA GLN A 195 15.02 10.03 -12.26
CA GLN A 195 15.30 9.60 -12.14
C GLN A 195 13.95 10.76 -11.47
C GLN A 195 14.24 10.35 -11.35
N LEU A 196 12.69 10.35 -11.61
N LEU A 196 12.97 9.98 -11.53
CA LEU A 196 11.61 10.99 -10.88
CA LEU A 196 11.88 10.66 -10.82
C LEU A 196 11.72 10.73 -9.39
C LEU A 196 12.01 10.46 -9.32
N PHE A 197 11.88 9.46 -8.98
N PHE A 197 12.17 9.21 -8.88
CA PHE A 197 11.98 9.15 -7.55
CA PHE A 197 12.16 8.97 -7.44
C PHE A 197 13.17 9.86 -6.92
C PHE A 197 13.41 9.53 -6.76
N THR A 198 14.30 9.92 -7.64
N THR A 198 14.55 9.56 -7.46
CA THR A 198 15.48 10.58 -7.10
CA THR A 198 15.72 10.18 -6.85
C THR A 198 15.23 12.08 -6.92
C THR A 198 15.54 11.69 -6.73
N GLN A 199 14.55 12.72 -7.89
N GLN A 199 14.88 12.32 -7.70
CA GLN A 199 14.24 14.13 -7.74
CA GLN A 199 14.64 13.76 -7.62
C GLN A 199 13.35 14.37 -6.52
C GLN A 199 13.67 14.10 -6.48
N VAL A 200 12.38 13.47 -6.30
N VAL A 200 12.59 13.33 -6.33
CA VAL A 200 11.51 13.55 -5.13
CA VAL A 200 11.65 13.57 -5.23
C VAL A 200 12.34 13.41 -3.85
C VAL A 200 12.36 13.41 -3.89
N TRP A 201 13.22 12.40 -3.78
CA TRP A 201 14.05 12.20 -2.60
C TRP A 201 14.94 13.41 -2.35
N GLN A 202 15.53 13.98 -3.41
CA GLN A 202 16.36 15.18 -3.25
C GLN A 202 15.56 16.36 -2.75
N ASN A 203 14.36 16.59 -3.31
N ASN A 203 14.36 16.58 -3.31
CA ASN A 203 13.56 17.73 -2.90
CA ASN A 203 13.54 17.71 -2.91
C ASN A 203 13.16 17.64 -1.44
C ASN A 203 13.19 17.64 -1.44
N ALA A 204 13.01 16.44 -0.92
CA ALA A 204 12.68 16.23 0.47
C ALA A 204 13.91 16.12 1.36
N GLY A 205 15.07 16.53 0.86
CA GLY A 205 16.25 16.65 1.69
C GLY A 205 17.01 15.36 1.91
N LYS A 206 16.73 14.33 1.11
CA LYS A 206 17.46 13.06 1.22
C LYS A 206 17.35 12.49 2.63
N SER A 207 16.24 12.71 3.32
CA SER A 207 16.14 12.28 4.71
C SER A 207 16.37 10.78 4.83
N PRO A 208 17.14 10.33 5.82
CA PRO A 208 17.30 8.88 6.01
CA PRO A 208 17.30 8.88 6.01
C PRO A 208 16.01 8.15 6.31
N PHE A 209 14.96 8.87 6.74
CA PHE A 209 13.67 8.25 6.96
C PHE A 209 12.97 7.86 5.66
N ILE A 210 13.39 8.42 4.53
CA ILE A 210 12.87 8.04 3.22
C ILE A 210 13.63 6.80 2.80
N LYS A 211 13.10 5.64 3.20
CA LYS A 211 13.86 4.40 3.08
CA LYS A 211 13.86 4.40 3.09
C LYS A 211 13.97 3.93 1.64
N GLY A 212 12.92 4.16 0.84
CA GLY A 212 12.89 3.64 -0.50
C GLY A 212 11.49 3.58 -1.02
N LEU A 213 11.12 2.43 -1.60
CA LEU A 213 9.94 2.32 -2.44
C LEU A 213 9.11 1.11 -2.06
N ALA A 214 7.80 1.20 -2.29
CA ALA A 214 6.87 0.10 -2.11
C ALA A 214 6.37 -0.34 -3.48
N THR A 215 6.30 -1.66 -3.69
CA THR A 215 5.87 -2.17 -4.99
C THR A 215 4.73 -3.16 -4.82
N ASN A 216 3.99 -3.33 -5.93
CA ASN A 216 2.89 -4.27 -6.05
C ASN A 216 1.70 -3.92 -5.14
N VAL A 217 1.63 -2.68 -4.66
CA VAL A 217 0.55 -2.28 -3.76
C VAL A 217 -0.79 -2.45 -4.46
N ALA A 218 -1.69 -3.21 -3.83
CA ALA A 218 -3.01 -3.50 -4.35
C ALA A 218 -2.97 -4.29 -5.66
N ASN A 219 -1.83 -4.88 -6.00
CA ASN A 219 -1.74 -5.66 -7.20
C ASN A 219 -1.54 -7.13 -6.84
N TYR A 220 -1.11 -7.93 -7.82
CA TYR A 220 -1.24 -9.38 -7.75
C TYR A 220 0.01 -10.07 -8.29
N ASN A 221 1.08 -9.33 -8.59
CA ASN A 221 2.25 -9.94 -9.19
C ASN A 221 2.94 -10.87 -8.20
N ALA A 222 3.65 -11.86 -8.74
CA ALA A 222 4.54 -12.66 -7.92
C ALA A 222 5.73 -11.83 -7.48
N LEU A 223 6.24 -12.11 -6.28
CA LEU A 223 7.59 -11.66 -5.95
C LEU A 223 8.61 -12.41 -6.79
N GLN A 224 8.51 -13.75 -6.79
CA GLN A 224 9.39 -14.57 -7.60
C GLN A 224 8.57 -15.68 -8.24
N ALA A 225 8.51 -15.66 -9.57
N ALA A 225 8.37 -15.58 -9.55
CA ALA A 225 7.77 -16.65 -10.35
CA ALA A 225 7.51 -16.49 -10.27
C ALA A 225 8.74 -17.57 -11.08
C ALA A 225 8.28 -17.75 -10.64
N ALA A 226 8.55 -18.88 -10.92
N ALA A 226 7.62 -18.90 -10.53
CA ALA A 226 9.36 -19.85 -11.66
CA ALA A 226 8.25 -20.14 -11.00
C ALA A 226 9.05 -19.79 -13.14
C ALA A 226 8.32 -20.20 -12.52
N SER A 227 7.79 -19.57 -13.50
N SER A 227 7.46 -19.47 -13.21
CA SER A 227 7.41 -19.40 -14.89
CA SER A 227 7.56 -19.25 -14.65
C SER A 227 6.68 -18.08 -15.06
C SER A 227 6.76 -17.99 -14.95
N PRO A 228 7.10 -17.26 -16.02
CA PRO A 228 6.45 -15.97 -16.23
C PRO A 228 4.97 -16.10 -16.51
N ASP A 229 4.19 -15.22 -15.91
CA ASP A 229 2.77 -15.13 -16.22
C ASP A 229 2.62 -14.68 -17.66
N PRO A 230 1.78 -15.31 -18.48
CA PRO A 230 1.67 -14.92 -19.88
CA PRO A 230 1.70 -14.91 -19.89
C PRO A 230 1.36 -13.44 -20.10
N ILE A 231 0.78 -12.76 -19.11
CA ILE A 231 0.49 -11.34 -19.27
C ILE A 231 1.76 -10.54 -19.42
N THR A 232 2.91 -11.09 -19.05
CA THR A 232 4.17 -10.35 -18.98
C THR A 232 4.97 -10.37 -20.26
N GLN A 233 4.49 -11.01 -21.32
CA GLN A 233 5.28 -11.15 -22.55
C GLN A 233 5.78 -9.82 -23.04
N GLY A 234 7.07 -9.77 -23.37
CA GLY A 234 7.74 -8.59 -23.82
C GLY A 234 8.54 -7.89 -22.75
N ASN A 235 8.27 -8.21 -21.47
CA ASN A 235 8.95 -7.60 -20.33
C ASN A 235 9.82 -8.64 -19.65
N PRO A 236 11.15 -8.55 -19.72
CA PRO A 236 11.98 -9.52 -19.02
C PRO A 236 11.85 -9.43 -17.52
N ASN A 237 11.34 -8.31 -16.99
CA ASN A 237 11.13 -8.15 -15.56
C ASN A 237 9.69 -8.56 -15.25
N TYR A 238 9.48 -9.87 -15.16
CA TYR A 238 8.14 -10.45 -15.12
C TYR A 238 7.61 -10.63 -13.71
N ASP A 239 8.41 -10.29 -12.71
CA ASP A 239 7.98 -10.38 -11.32
C ASP A 239 8.64 -9.26 -10.54
N GLU A 240 8.25 -9.14 -9.26
CA GLU A 240 8.73 -8.00 -8.48
C GLU A 240 10.23 -8.08 -8.20
N ILE A 241 10.77 -9.29 -8.02
CA ILE A 241 12.20 -9.39 -7.73
C ILE A 241 13.02 -8.91 -8.93
N HIS A 242 12.59 -9.23 -10.15
CA HIS A 242 13.31 -8.72 -11.31
C HIS A 242 13.23 -7.20 -11.36
N TYR A 243 12.04 -6.65 -11.12
CA TYR A 243 11.87 -5.19 -11.13
C TYR A 243 12.82 -4.53 -10.12
N ILE A 244 12.78 -5.00 -8.89
CA ILE A 244 13.57 -4.39 -7.81
C ILE A 244 15.07 -4.56 -8.06
N ASN A 245 15.48 -5.75 -8.50
CA ASN A 245 16.89 -5.96 -8.82
C ASN A 245 17.36 -5.02 -9.90
N ALA A 246 16.46 -4.56 -10.78
N ALA A 246 16.51 -4.81 -10.90
CA ALA A 246 16.87 -3.62 -11.84
CA ALA A 246 16.83 -3.95 -12.01
C ALA A 246 16.85 -2.16 -11.40
C ALA A 246 16.77 -2.49 -11.59
N LEU A 247 15.85 -1.76 -10.61
N LEU A 247 15.89 -2.16 -10.65
CA LEU A 247 15.71 -0.35 -10.26
CA LEU A 247 15.72 -0.76 -10.27
C LEU A 247 16.67 0.08 -9.16
C LEU A 247 16.65 -0.36 -9.12
N ALA A 248 16.86 -0.79 -8.16
N ALA A 248 16.83 -1.24 -8.12
CA ALA A 248 17.67 -0.42 -7.00
CA ALA A 248 17.61 -0.89 -6.93
C ALA A 248 19.04 0.15 -7.37
C ALA A 248 19.01 -0.36 -7.21
N PRO A 249 19.81 -0.44 -8.29
N PRO A 249 19.82 -0.98 -8.08
CA PRO A 249 21.14 0.14 -8.57
CA PRO A 249 21.15 -0.42 -8.34
C PRO A 249 21.07 1.53 -9.15
C PRO A 249 21.11 0.91 -9.07
N LEU A 250 20.00 1.87 -9.88
N LEU A 250 20.05 1.19 -9.83
CA LEU A 250 19.87 3.22 -10.39
CA LEU A 250 19.92 2.50 -10.46
C LEU A 250 19.71 4.23 -9.25
C LEU A 250 19.78 3.59 -9.41
N LEU A 251 18.94 3.87 -8.22
N LEU A 251 18.98 3.32 -8.37
CA LEU A 251 18.80 4.75 -7.07
CA LEU A 251 18.88 4.27 -7.27
C LEU A 251 20.11 4.84 -6.28
C LEU A 251 20.21 4.38 -6.54
N GLN A 252 20.78 3.70 -6.07
N GLN A 252 20.91 3.26 -6.34
CA GLN A 252 22.06 3.71 -5.36
CA GLN A 252 22.23 3.26 -5.72
C GLN A 252 23.08 4.61 -6.05
C GLN A 252 23.19 4.15 -6.51
N GLN A 253 23.12 4.60 -7.38
N GLN A 253 23.19 4.00 -7.83
CA GLN A 253 24.06 5.44 -8.13
CA GLN A 253 24.12 4.76 -8.65
C GLN A 253 23.85 6.91 -7.83
C GLN A 253 23.83 6.26 -8.60
N ALA A 254 22.62 7.29 -7.54
N ALA A 254 22.62 6.65 -8.24
CA ALA A 254 22.28 8.67 -7.21
CA ALA A 254 22.25 8.05 -8.09
C ALA A 254 22.61 9.01 -5.76
C ALA A 254 22.48 8.60 -6.68
N GLY A 255 23.14 8.06 -4.99
N GLY A 255 23.04 7.79 -5.78
CA GLY A 255 23.43 8.28 -3.58
CA GLY A 255 23.31 8.23 -4.44
C GLY A 255 22.33 7.90 -2.62
C GLY A 255 22.29 7.82 -3.40
N TRP A 256 21.27 7.25 -3.09
N TRP A 256 21.32 6.98 -3.74
CA TRP A 256 20.14 6.85 -2.26
CA TRP A 256 20.28 6.57 -2.81
C TRP A 256 20.25 5.34 -2.08
C TRP A 256 20.27 5.05 -2.71
N ASP A 257 20.67 4.90 -0.89
N ASP A 257 20.80 4.52 -1.61
CA ASP A 257 20.74 3.45 -0.67
CA ASP A 257 20.82 3.08 -1.38
C ASP A 257 19.33 3.02 -0.27
C ASP A 257 19.46 2.63 -0.83
N ALA A 258 18.55 2.80 -1.31
N ALA A 258 18.46 2.72 -1.71
CA ALA A 258 17.13 2.56 -1.19
CA ALA A 258 17.07 2.57 -1.31
C ALA A 258 16.85 1.09 -0.94
C ALA A 258 16.72 1.11 -1.10
N THR A 259 15.86 0.84 -0.11
CA THR A 259 15.31 -0.47 0.09
C THR A 259 13.82 -0.45 -0.21
N PHE A 260 13.22 -1.63 -0.21
CA PHE A 260 11.90 -1.82 -0.78
C PHE A 260 11.03 -2.67 0.13
N ILE A 261 9.71 -2.48 0.01
CA ILE A 261 8.74 -3.42 0.55
C ILE A 261 7.83 -3.83 -0.60
N VAL A 262 7.30 -5.05 -0.53
CA VAL A 262 6.51 -5.63 -1.62
CA VAL A 262 6.51 -5.63 -1.62
C VAL A 262 5.22 -6.19 -1.06
N ASP A 263 4.08 -5.71 -1.57
CA ASP A 263 2.77 -6.25 -1.22
C ASP A 263 2.66 -7.64 -1.83
N GLN A 264 2.29 -8.63 -1.01
CA GLN A 264 1.95 -9.96 -1.48
C GLN A 264 0.59 -10.41 -0.97
N GLY A 265 -0.22 -9.48 -0.45
N GLY A 265 -0.18 -9.49 -0.39
CA GLY A 265 -1.47 -9.86 0.17
CA GLY A 265 -1.46 -9.87 0.20
C GLY A 265 -2.47 -10.52 -0.75
C GLY A 265 -2.32 -10.72 -0.73
N ARG A 266 -2.38 -10.27 -2.07
N ARG A 266 -2.34 -10.38 -2.02
CA ARG A 266 -3.30 -10.90 -3.02
CA ARG A 266 -3.14 -11.10 -2.99
C ARG A 266 -2.55 -11.57 -4.15
C ARG A 266 -2.27 -11.78 -4.05
N SER A 267 -1.38 -12.13 -3.84
N SER A 267 -1.05 -12.17 -3.69
CA SER A 267 -0.48 -12.71 -4.83
CA SER A 267 -0.17 -12.79 -4.67
C SER A 267 -0.39 -14.23 -4.78
C SER A 267 -0.20 -14.31 -4.61
N GLY A 268 -1.19 -14.89 -3.93
CA GLY A 268 -1.15 -16.33 -3.76
C GLY A 268 -1.46 -17.13 -5.01
N VAL A 269 -2.21 -16.55 -5.95
CA VAL A 269 -2.59 -17.22 -7.18
C VAL A 269 -2.09 -16.37 -8.35
N GLN A 270 -1.22 -16.96 -9.16
CA GLN A 270 -0.70 -16.33 -10.35
C GLN A 270 -1.52 -16.78 -11.57
N ASN A 271 -1.29 -16.11 -12.70
CA ASN A 271 -1.87 -16.51 -13.98
C ASN A 271 -3.40 -16.44 -13.95
N ILE A 272 -3.91 -15.34 -13.40
N ILE A 272 -3.92 -15.33 -13.41
CA ILE A 272 -5.35 -15.11 -13.28
CA ILE A 272 -5.37 -15.15 -13.30
C ILE A 272 -5.83 -13.92 -14.10
C ILE A 272 -5.86 -13.89 -14.03
N ARG A 273 -4.94 -13.24 -14.81
N ARG A 273 -5.09 -13.37 -14.98
CA ARG A 273 -5.31 -12.05 -15.55
CA ARG A 273 -5.43 -12.11 -15.61
C ARG A 273 -5.24 -12.30 -17.05
C ARG A 273 -5.37 -12.21 -17.12
N GLN A 274 -6.17 -11.70 -17.78
N GLN A 274 -6.24 -11.47 -17.79
CA GLN A 274 -6.08 -11.71 -19.24
CA GLN A 274 -6.25 -11.43 -19.25
C GLN A 274 -4.99 -10.76 -19.72
C GLN A 274 -5.21 -10.45 -19.78
N GLN A 275 -4.96 -9.55 -19.18
N GLN A 275 -5.08 -9.27 -19.18
CA GLN A 275 -3.95 -8.56 -19.52
CA GLN A 275 -4.05 -8.30 -19.55
C GLN A 275 -3.30 -8.07 -18.24
C GLN A 275 -3.43 -7.77 -18.27
N TRP A 276 -2.04 -7.66 -18.32
N TRP A 276 -2.14 -7.42 -18.36
CA TRP A 276 -1.32 -7.25 -17.12
CA TRP A 276 -1.42 -6.93 -17.18
C TRP A 276 -1.98 -6.04 -16.43
C TRP A 276 -2.00 -5.63 -16.64
N GLY A 277 -2.54 -5.12 -17.23
N GLY A 277 -2.71 -4.88 -17.47
CA GLY A 277 -3.09 -3.88 -16.68
CA GLY A 277 -3.37 -3.70 -17.00
C GLY A 277 -4.43 -4.02 -15.98
C GLY A 277 -4.62 -3.95 -16.20
N ASP A 278 -5.05 -5.20 -16.03
CA ASP A 278 -6.31 -5.47 -15.35
C ASP A 278 -6.04 -5.53 -13.85
N TRP A 279 -6.57 -4.57 -13.11
CA TRP A 279 -6.20 -4.41 -11.71
C TRP A 279 -7.36 -4.55 -10.74
N CYS A 280 -8.61 -4.51 -11.21
N CYS A 280 -8.60 -4.53 -11.19
CA CYS A 280 -9.75 -4.34 -10.31
CA CYS A 280 -9.73 -4.35 -10.31
C CYS A 280 -10.38 -5.68 -9.91
C CYS A 280 -10.34 -5.69 -9.91
N ASN A 281 -10.33 -5.98 -8.61
CA ASN A 281 -11.03 -7.13 -8.04
C ASN A 281 -10.78 -8.42 -8.81
N ILE A 282 -9.52 -8.72 -9.10
CA ILE A 282 -9.25 -9.82 -10.03
C ILE A 282 -9.75 -11.13 -9.44
N LYS A 283 -10.56 -11.84 -10.25
CA LYS A 283 -11.25 -13.04 -9.80
CA LYS A 283 -11.25 -13.04 -9.78
C LYS A 283 -10.27 -14.17 -9.54
N GLY A 284 -10.48 -14.89 -8.45
CA GLY A 284 -9.64 -16.03 -8.14
C GLY A 284 -8.39 -15.71 -7.36
N ALA A 285 -8.17 -14.44 -7.02
N ALA A 285 -8.20 -14.47 -6.91
CA ALA A 285 -7.01 -14.09 -6.22
CA ALA A 285 -6.99 -14.16 -6.15
C ALA A 285 -7.07 -14.79 -4.88
C ALA A 285 -6.96 -14.93 -4.83
N GLY A 286 -5.90 -15.16 -4.38
N GLY A 286 -5.75 -15.18 -4.33
CA GLY A 286 -5.77 -15.76 -3.07
CA GLY A 286 -5.57 -15.83 -3.04
C GLY A 286 -4.80 -14.97 -2.22
C GLY A 286 -4.53 -15.13 -2.21
N PHE A 287 -4.99 -15.03 -0.90
N PHE A 287 -4.66 -15.25 -0.88
CA PHE A 287 -4.02 -14.43 -0.01
CA PHE A 287 -3.67 -14.68 0.01
C PHE A 287 -2.65 -15.05 -0.30
C PHE A 287 -2.29 -15.24 -0.30
N GLY A 288 -1.60 -14.21 -0.26
N GLY A 288 -1.28 -14.37 -0.35
CA GLY A 288 -0.27 -14.65 -0.60
CA GLY A 288 0.07 -14.78 -0.67
C GLY A 288 0.67 -14.77 0.59
C GLY A 288 0.94 -14.93 0.55
N THR A 289 1.98 -14.73 0.29
N THR A 289 2.25 -14.86 0.33
CA THR A 289 3.03 -14.93 1.28
CA THR A 289 3.21 -14.95 1.41
C THR A 289 2.82 -14.01 2.47
C THR A 289 2.84 -13.96 2.51
N ARG A 290 2.98 -14.57 3.67
N ARG A 290 2.69 -14.47 3.74
CA ARG A 290 2.74 -13.79 4.88
CA ARG A 290 2.39 -13.60 4.87
C ARG A 290 3.84 -12.75 5.07
C ARG A 290 3.56 -12.64 5.09
N PRO A 291 3.50 -11.60 5.65
N PRO A 291 3.31 -11.47 5.69
CA PRO A 291 4.52 -10.57 5.89
CA PRO A 291 4.40 -10.51 5.92
C PRO A 291 5.72 -11.13 6.65
C PRO A 291 5.57 -11.12 6.66
N THR A 292 6.90 -10.69 6.23
N THR A 292 6.79 -10.86 6.16
CA THR A 292 8.13 -11.20 6.83
CA THR A 292 8.02 -11.37 6.74
C THR A 292 9.30 -10.37 6.33
C THR A 292 9.18 -10.48 6.32
N THR A 293 10.30 -10.19 7.19
N THR A 293 10.19 -10.41 7.18
CA THR A 293 11.57 -9.64 6.72
CA THR A 293 11.45 -9.74 6.86
C THR A 293 12.47 -10.70 6.08
C THR A 293 12.47 -10.69 6.24
N ASN A 294 12.06 -11.97 6.12
N ASN A 294 12.12 -11.97 6.06
CA ASN A 294 12.82 -13.04 5.46
CA ASN A 294 12.95 -12.92 5.32
C ASN A 294 12.48 -13.00 3.99
C ASN A 294 12.51 -12.86 3.87
N THR A 295 13.04 -12.01 3.31
N THR A 295 13.16 -11.99 3.10
CA THR A 295 12.71 -11.76 1.92
CA THR A 295 12.69 -11.60 1.78
C THR A 295 13.67 -12.45 0.97
C THR A 295 13.52 -12.17 0.64
N GLY A 296 14.88 -12.79 1.43
N GLY A 296 14.72 -12.64 0.92
CA GLY A 296 15.86 -13.36 0.53
CA GLY A 296 15.61 -13.16 -0.11
C GLY A 296 16.49 -12.39 -0.45
C GLY A 296 16.33 -12.10 -0.92
N SER A 297 16.19 -11.09 -0.33
N SER A 297 16.34 -10.85 -0.48
CA SER A 297 16.77 -10.10 -1.21
CA SER A 297 17.05 -9.79 -1.20
C SER A 297 17.52 -9.05 -0.40
C SER A 297 17.49 -8.73 -0.21
N GLN A 298 18.71 -8.67 -0.88
N GLN A 298 18.75 -8.29 -0.30
CA GLN A 298 19.44 -7.55 -0.27
CA GLN A 298 19.16 -7.16 0.53
C GLN A 298 18.66 -6.25 -0.29
C GLN A 298 18.46 -5.88 0.12
N PHE A 299 17.72 -6.09 -1.23
N PHE A 299 17.79 -5.88 -1.02
CA PHE A 299 17.05 -4.81 -1.43
CA PHE A 299 17.00 -4.74 -1.45
C PHE A 299 15.70 -4.69 -0.76
C PHE A 299 15.68 -4.69 -0.70
N ILE A 300 15.19 -5.76 -0.14
N ILE A 300 15.11 -5.83 -0.32
CA ILE A 300 13.79 -5.81 0.29
CA ILE A 300 13.76 -5.87 0.24
C ILE A 300 13.74 -5.97 1.80
C ILE A 300 13.83 -5.98 1.76
N ASP A 301 13.29 -4.90 2.49
N ASP A 301 13.27 -4.97 2.43
CA ASP A 301 13.16 -4.94 3.95
CA ASP A 301 13.19 -4.97 3.89
C ASP A 301 12.06 -5.88 4.41
C ASP A 301 12.08 -5.92 4.36
N SER A 302 10.95 -5.95 3.66
CA SER A 302 9.84 -6.79 4.09
C SER A 302 8.91 -7.09 2.93
N ILE A 303 8.39 -8.31 2.94
CA ILE A 303 7.12 -8.63 2.31
C ILE A 303 6.03 -8.14 3.25
N VAL A 304 5.01 -7.49 2.69
CA VAL A 304 3.96 -6.84 3.47
C VAL A 304 2.61 -7.15 2.85
N TRP A 305 1.55 -6.86 3.60
CA TRP A 305 0.19 -6.88 3.08
C TRP A 305 -0.32 -5.44 3.16
N VAL A 306 -0.25 -4.73 2.05
CA VAL A 306 -0.63 -3.32 2.03
C VAL A 306 -2.13 -3.17 1.77
N LYS A 307 -2.59 -3.60 0.59
CA LYS A 307 -4.02 -3.64 0.31
C LYS A 307 -4.67 -4.72 1.17
N PRO A 308 -5.72 -4.38 1.95
CA PRO A 308 -6.35 -5.39 2.81
C PRO A 308 -7.34 -6.21 1.99
N GLY A 309 -7.00 -7.47 1.76
CA GLY A 309 -7.84 -8.31 0.93
C GLY A 309 -9.24 -8.49 1.50
N GLY A 310 -10.24 -8.29 0.64
CA GLY A 310 -11.63 -8.29 1.04
C GLY A 310 -12.30 -6.94 0.90
N GLU A 311 -11.54 -5.86 0.97
CA GLU A 311 -12.07 -4.53 0.69
C GLU A 311 -12.07 -4.32 -0.81
N SER A 312 -13.22 -3.95 -1.36
CA SER A 312 -13.37 -3.84 -2.80
C SER A 312 -12.47 -2.76 -3.38
N GLY A 314 -13.49 -1.32 -6.18
CA GLY A 314 -14.42 -0.53 -6.96
C GLY A 314 -15.65 -1.30 -7.34
N THR A 315 -16.73 -0.56 -7.58
CA THR A 315 -18.00 -1.16 -7.95
C THR A 315 -17.96 -1.64 -9.40
N SER A 316 -18.70 -2.71 -9.68
CA SER A 316 -18.94 -3.13 -11.06
C SER A 316 -20.23 -2.55 -11.62
N ASN A 317 -20.93 -1.72 -10.85
CA ASN A 317 -22.20 -1.13 -11.26
C ASN A 317 -21.93 0.06 -12.16
N SER A 318 -22.26 -0.09 -13.44
CA SER A 318 -21.99 0.97 -14.42
C SER A 318 -22.84 2.22 -14.21
N SER A 319 -23.79 2.19 -13.28
CA SER A 319 -24.62 3.35 -12.98
C SER A 319 -24.12 4.15 -11.79
N SER A 320 -23.09 3.68 -11.08
CA SER A 320 -22.58 4.42 -9.95
C SER A 320 -21.75 5.61 -10.42
N PRO A 321 -21.80 6.74 -9.70
CA PRO A 321 -20.96 7.88 -10.07
C PRO A 321 -19.48 7.60 -9.95
N ARG A 322 -19.08 6.58 -9.20
CA ARG A 322 -17.68 6.23 -9.01
C ARG A 322 -17.27 5.03 -9.87
N TYR A 323 -18.08 4.67 -10.86
CA TYR A 323 -17.84 3.48 -11.64
C TYR A 323 -16.58 3.61 -12.48
N ASP A 324 -15.72 2.61 -12.39
CA ASP A 324 -14.55 2.44 -13.24
C ASP A 324 -14.76 1.16 -14.03
N SER A 325 -14.78 1.29 -15.37
CA SER A 325 -15.13 0.15 -16.22
C SER A 325 -14.14 -1.02 -16.11
N THR A 326 -12.93 -0.78 -15.62
N THR A 326 -12.94 -0.79 -15.61
CA THR A 326 -12.01 -1.88 -15.35
CA THR A 326 -11.94 -1.86 -15.56
C THR A 326 -12.63 -2.90 -14.41
C THR A 326 -12.36 -2.98 -14.60
N CYS A 327 -13.52 -2.45 -13.53
N CYS A 327 -13.47 -2.79 -13.90
CA CYS A 327 -14.16 -3.29 -12.54
CA CYS A 327 -13.95 -3.74 -12.92
C CYS A 327 -15.31 -4.11 -13.09
C CYS A 327 -15.04 -4.68 -13.46
N SER A 328 -15.63 -3.99 -14.38
N SER A 328 -15.34 -4.60 -14.76
CA SER A 328 -16.59 -4.86 -15.03
CA SER A 328 -16.31 -5.51 -15.38
C SER A 328 -15.98 -5.78 -16.06
C SER A 328 -15.66 -6.47 -16.38
N LEU A 329 -14.66 -5.76 -16.22
N LEU A 329 -14.33 -6.55 -16.41
CA LEU A 329 -14.01 -6.68 -17.15
CA LEU A 329 -13.66 -7.40 -17.36
C LEU A 329 -14.33 -8.12 -16.76
C LEU A 329 -13.88 -8.88 -17.02
N PRO A 330 -14.26 -9.05 -17.72
N PRO A 330 -13.66 -9.77 -17.99
CA PRO A 330 -14.57 -10.45 -17.40
CA PRO A 330 -13.85 -11.21 -17.71
C PRO A 330 -13.71 -11.03 -16.29
C PRO A 330 -13.00 -11.74 -16.57
N ASP A 331 -12.46 -10.58 -16.14
N ASP A 331 -11.93 -11.05 -16.19
CA ASP A 331 -11.61 -11.09 -15.07
CA ASP A 331 -11.11 -11.45 -15.04
C ASP A 331 -11.76 -10.34 -13.75
C ASP A 331 -11.35 -10.58 -13.81
N ALA A 332 -12.69 -9.38 -13.69
N ALA A 332 -12.50 -9.93 -13.72
CA ALA A 332 -13.06 -8.73 -12.44
CA ALA A 332 -12.87 -9.12 -12.56
C ALA A 332 -14.23 -9.45 -11.80
C ALA A 332 -14.09 -9.74 -11.88
N ALA A 333 -14.07 -9.86 -10.53
N ALA A 333 -14.07 -9.73 -10.55
CA ALA A 333 -15.15 -10.50 -9.81
CA ALA A 333 -15.13 -10.35 -9.77
C ALA A 333 -16.36 -9.57 -9.73
C ALA A 333 -16.38 -9.48 -9.79
N GLN A 334 -17.52 -10.07 -10.15
N GLN A 334 -17.55 -10.13 -9.72
CA GLN A 334 -18.74 -9.28 -10.27
CA GLN A 334 -18.82 -9.44 -9.80
C GLN A 334 -19.92 -10.11 -9.78
C GLN A 334 -19.86 -10.25 -9.04
N PRO A 335 -20.95 -9.46 -9.21
N PRO A 335 -20.91 -9.59 -8.49
CA PRO A 335 -21.00 -8.02 -8.94
CA PRO A 335 -21.03 -8.13 -8.47
C PRO A 335 -20.11 -7.63 -7.76
C PRO A 335 -20.16 -7.53 -7.38
N ALA A 336 -19.58 -6.40 -7.80
N ALA A 336 -19.46 -6.46 -7.72
CA ALA A 336 -18.66 -5.91 -6.77
CA ALA A 336 -18.53 -5.86 -6.77
C ALA A 336 -19.19 -4.60 -6.18
C ALA A 336 -19.13 -4.58 -6.18
N PRO A 337 -19.00 -4.39 -4.88
CA PRO A 337 -19.52 -3.17 -4.25
C PRO A 337 -18.54 -2.01 -4.33
N GLU A 338 -18.94 -0.87 -3.77
CA GLU A 338 -18.16 0.36 -3.91
C GLU A 338 -16.78 0.20 -3.28
N ALA A 339 -15.81 0.93 -3.85
CA ALA A 339 -14.43 0.84 -3.41
C ALA A 339 -14.31 1.07 -1.91
N GLY A 340 -13.53 0.22 -1.26
CA GLY A 340 -13.28 0.30 0.16
C GLY A 340 -14.23 -0.50 1.00
N THR A 341 -15.45 -0.73 0.50
CA THR A 341 -16.43 -1.49 1.27
C THR A 341 -16.17 -2.99 1.14
N TRP A 342 -16.71 -3.73 2.10
CA TRP A 342 -16.41 -5.14 2.22
C TRP A 342 -17.05 -5.95 1.11
N PHE A 343 -16.28 -6.88 0.54
CA PHE A 343 -16.68 -7.72 -0.59
C PHE A 343 -16.56 -9.15 -0.08
N GLN A 344 -17.64 -9.66 0.52
CA GLN A 344 -17.57 -10.88 1.31
C GLN A 344 -17.18 -12.09 0.45
N ALA A 345 -17.79 -12.24 -0.73
CA ALA A 345 -17.46 -13.41 -1.55
C ALA A 345 -16.01 -13.39 -1.99
N TYR A 346 -15.46 -12.20 -2.26
CA TYR A 346 -14.06 -12.06 -2.64
C TYR A 346 -13.15 -12.50 -1.50
N PHE A 347 -13.47 -12.04 -0.28
N PHE A 347 -13.53 -12.19 -0.25
CA PHE A 347 -12.71 -12.44 0.90
CA PHE A 347 -12.78 -12.69 0.89
C PHE A 347 -12.75 -13.94 1.09
C PHE A 347 -12.68 -14.22 0.88
N GLN A 348 -13.93 -14.55 1.00
N GLN A 348 -13.78 -14.92 0.55
CA GLN A 348 -14.00 -15.99 1.18
CA GLN A 348 -13.76 -16.38 0.66
C GLN A 348 -13.10 -16.74 0.18
C GLN A 348 -12.83 -17.02 -0.35
N THR A 349 -13.06 -16.29 -1.07
N THR A 349 -12.75 -16.47 -1.57
CA THR A 349 -12.17 -16.93 -2.04
CA THR A 349 -11.80 -16.99 -2.54
C THR A 349 -10.70 -16.63 -1.74
C THR A 349 -10.36 -16.75 -2.10
N LEU A 350 -10.38 -15.40 -1.32
N LEU A 350 -10.09 -15.68 -1.34
CA LEU A 350 -9.03 -15.11 -0.88
CA LEU A 350 -8.73 -15.42 -0.87
C LEU A 350 -8.58 -16.11 0.17
C LEU A 350 -8.32 -16.44 0.19
N VAL A 351 -9.48 -16.46 1.10
N VAL A 351 -9.21 -16.76 1.12
CA VAL A 351 -9.17 -17.44 2.13
CA VAL A 351 -8.91 -17.74 2.16
C VAL A 351 -9.03 -18.82 1.52
C VAL A 351 -8.78 -19.13 1.55
N SER A 352 -10.01 -19.24 0.71
N SER A 352 -9.79 -19.53 0.77
CA SER A 352 -9.99 -20.58 0.15
CA SER A 352 -9.77 -20.86 0.16
C SER A 352 -8.76 -20.82 -0.73
C SER A 352 -8.57 -21.05 -0.75
N ALA A 353 -8.34 -19.79 -1.47
N ALA A 353 -8.25 -20.03 -1.55
CA ALA A 353 -7.24 -19.92 -2.42
CA ALA A 353 -7.11 -20.08 -2.45
C ALA A 353 -5.90 -19.50 -1.85
C ALA A 353 -5.87 -19.44 -1.87
N ALA A 354 -5.81 -19.27 -0.54
CA ALA A 354 -4.57 -18.79 0.07
C ALA A 354 -3.41 -19.71 -0.25
N ASN A 355 -2.27 -19.12 -0.57
CA ASN A 355 -1.08 -19.89 -0.88
C ASN A 355 0.12 -19.08 -0.39
N PRO A 356 0.82 -19.53 0.66
CA PRO A 356 0.60 -20.78 1.41
C PRO A 356 -0.75 -20.85 2.10
N PRO A 357 -1.26 -22.07 2.35
CA PRO A 357 -2.59 -22.20 2.93
CA PRO A 357 -2.60 -22.20 2.93
C PRO A 357 -2.65 -21.61 4.33
N LEU A 358 -3.85 -21.18 4.73
CA LEU A 358 -4.06 -20.63 6.06
C LEU A 358 -4.28 -21.75 7.07
#